data_5APP
#
_entry.id   5APP
#
_cell.length_a   62.130
_cell.length_b   35.860
_cell.length_c   198.510
_cell.angle_alpha   90.00
_cell.angle_beta   96.02
_cell.angle_gamma   90.00
#
_symmetry.space_group_name_H-M   'C 1 2 1'
#
loop_
_entity.id
_entity.type
_entity.pdbx_description
1 polymer 'General control protein GCN4,GENERAL CONTROL PROTEIN GCN4, OUTER MEMBRANE PROTEIN 100,General control protein GCN4'
2 non-polymer 'CHLORIDE ION'
3 water water
#
_entity_poly.entity_id   1
_entity_poly.type   'polypeptide(L)'
_entity_poly.pdbx_seq_one_letter_code
;MKQIEDKIEEILSKIYHIENEIARIKKLIQNVDVRSTENAARSRANEQKIAENKKAIENKADKADVEKNRADIAANSRAI
ATFRSSSQNIAALTTKMKQIEDKIEEILSKIYHIENEIARIKKLIKLHHHHHH
;
_entity_poly.pdbx_strand_id   A,B,C
#
loop_
_chem_comp.id
_chem_comp.type
_chem_comp.name
_chem_comp.formula
CL non-polymer 'CHLORIDE ION' 'Cl -1'
#
# COMPACT_ATOMS: atom_id res chain seq x y z
N LYS A 2 43.87 29.02 78.40
CA LYS A 2 43.36 27.61 78.35
C LYS A 2 42.11 27.47 77.49
N GLN A 3 41.03 28.16 77.89
CA GLN A 3 39.72 27.97 77.23
C GLN A 3 39.52 28.69 75.90
N ILE A 4 40.48 29.51 75.50
CA ILE A 4 40.49 30.09 74.15
C ILE A 4 41.21 29.11 73.21
N GLU A 5 42.42 28.74 73.59
CA GLU A 5 43.23 27.80 72.85
C GLU A 5 42.42 26.55 72.46
N ASP A 6 41.57 26.09 73.37
CA ASP A 6 40.77 24.90 73.14
C ASP A 6 39.58 25.08 72.19
N LYS A 7 39.03 26.28 72.10
CA LYS A 7 37.99 26.57 71.09
C LYS A 7 38.63 26.74 69.71
N ILE A 8 39.77 27.38 69.67
CA ILE A 8 40.50 27.59 68.42
C ILE A 8 40.91 26.24 67.83
N GLU A 9 41.44 25.36 68.67
CA GLU A 9 41.70 23.96 68.30
C GLU A 9 40.52 23.32 67.60
N GLU A 10 39.36 23.36 68.25
CA GLU A 10 38.11 22.84 67.70
C GLU A 10 37.81 23.46 66.36
N ILE A 11 37.84 24.79 66.32
CA ILE A 11 37.53 25.56 65.11
C ILE A 11 38.38 25.11 63.93
N LEU A 12 39.69 24.97 64.14
CA LEU A 12 40.57 24.53 63.07
C LEU A 12 40.24 23.14 62.56
N SER A 13 39.77 22.26 63.43
CA SER A 13 39.33 20.92 63.03
C SER A 13 38.04 20.94 62.22
N LYS A 14 37.11 21.80 62.62
CA LYS A 14 35.85 22.01 61.87
C LYS A 14 36.08 22.63 60.50
N ILE A 15 37.06 23.52 60.40
CA ILE A 15 37.40 24.09 59.10
C ILE A 15 37.95 23.02 58.17
N TYR A 16 38.86 22.20 58.68
CA TYR A 16 39.46 21.15 57.88
C TYR A 16 38.38 20.17 57.42
N HIS A 17 37.53 19.75 58.35
CA HIS A 17 36.36 18.92 58.06
C HIS A 17 35.56 19.53 56.90
N ILE A 18 35.26 20.81 57.03
CA ILE A 18 34.48 21.54 56.01
C ILE A 18 35.19 21.65 54.65
N GLU A 19 36.51 21.80 54.66
CA GLU A 19 37.26 21.88 53.39
C GLU A 19 37.15 20.59 52.58
N ASN A 20 37.14 19.46 53.27
CA ASN A 20 36.98 18.15 52.62
C ASN A 20 35.57 17.97 52.06
N GLU A 21 34.57 18.47 52.80
CA GLU A 21 33.18 18.37 52.38
C GLU A 21 32.94 19.17 51.12
N ILE A 22 33.56 20.34 51.06
CA ILE A 22 33.41 21.20 49.91
C ILE A 22 34.12 20.64 48.67
N ALA A 23 35.35 20.14 48.82
CA ALA A 23 36.09 19.54 47.69
C ALA A 23 35.44 18.26 47.16
N ARG A 24 34.76 17.54 48.05
CA ARG A 24 33.95 16.40 47.66
C ARG A 24 32.68 16.86 46.94
N ILE A 25 32.00 17.85 47.50
CA ILE A 25 30.86 18.48 46.82
C ILE A 25 31.17 18.99 45.43
N LYS A 26 32.36 19.54 45.22
CA LYS A 26 32.69 20.14 43.92
C LYS A 26 32.72 19.14 42.78
N LYS A 27 33.25 17.94 43.04
CA LYS A 27 33.33 16.89 42.01
C LYS A 27 32.01 16.14 41.83
N LEU A 28 31.20 16.06 42.88
CA LEU A 28 29.82 15.59 42.73
C LEU A 28 29.08 16.48 41.75
N ILE A 29 29.13 17.78 42.01
CA ILE A 29 28.45 18.78 41.18
C ILE A 29 28.92 18.72 39.74
N GLN A 30 30.22 18.90 39.57
CA GLN A 30 30.86 18.80 38.27
C GLN A 30 30.43 17.54 37.52
N ASN A 31 30.51 16.38 38.17
CA ASN A 31 30.02 15.13 37.58
C ASN A 31 28.56 15.26 37.13
N VAL A 32 27.67 15.59 38.05
CA VAL A 32 26.25 15.80 37.72
C VAL A 32 26.04 16.87 36.62
N ASP A 33 26.83 17.95 36.65
CA ASP A 33 26.72 18.99 35.60
C ASP A 33 26.91 18.34 34.23
N VAL A 34 27.98 17.58 34.12
CA VAL A 34 28.33 16.95 32.85
C VAL A 34 27.29 15.91 32.45
N ARG A 35 26.95 15.00 33.35
CA ARG A 35 25.90 14.03 33.04
C ARG A 35 24.64 14.72 32.51
N SER A 36 24.33 15.92 32.98
CA SER A 36 23.14 16.65 32.50
C SER A 36 23.36 17.31 31.16
N THR A 37 24.58 17.78 30.90
CA THR A 37 24.90 18.28 29.57
C THR A 37 24.86 17.15 28.53
N GLU A 38 25.18 15.92 28.93
CA GLU A 38 25.03 14.77 28.04
C GLU A 38 23.56 14.45 27.83
N ASN A 39 22.85 14.25 28.94
CA ASN A 39 21.39 14.07 28.90
C ASN A 39 20.72 15.06 27.96
N ALA A 40 21.14 16.32 28.03
CA ALA A 40 20.57 17.42 27.21
C ALA A 40 20.77 17.24 25.70
N ALA A 41 21.98 16.89 25.29
CA ALA A 41 22.26 16.69 23.87
C ALA A 41 21.61 15.40 23.35
N ARG A 42 21.74 14.31 24.11
CA ARG A 42 21.08 13.04 23.78
C ARG A 42 19.58 13.24 23.54
N SER A 43 18.91 14.02 24.38
CA SER A 43 17.46 14.27 24.27
C SER A 43 17.08 15.23 23.12
N ARG A 44 17.98 16.16 22.83
CA ARG A 44 17.84 16.97 21.64
C ARG A 44 18.06 16.15 20.34
N ALA A 45 18.97 15.19 20.38
CA ALA A 45 19.22 14.32 19.25
C ALA A 45 17.99 13.43 19.02
N ASN A 46 17.62 12.66 20.04
CA ASN A 46 16.37 11.90 20.03
C ASN A 46 15.18 12.61 19.43
N GLU A 47 14.97 13.89 19.79
CA GLU A 47 13.85 14.65 19.22
C GLU A 47 14.08 14.94 17.71
N GLN A 48 15.33 15.08 17.29
CA GLN A 48 15.68 15.16 15.86
C GLN A 48 15.45 13.83 15.12
N LYS A 49 15.73 12.70 15.79
CA LYS A 49 15.47 11.37 15.21
C LYS A 49 13.98 11.06 15.15
N ILE A 50 13.28 11.30 16.26
CA ILE A 50 11.81 11.23 16.26
C ILE A 50 11.29 12.02 15.06
N ALA A 51 11.80 13.25 14.90
CA ALA A 51 11.42 14.14 13.79
C ALA A 51 11.86 13.70 12.37
N GLU A 52 12.76 12.71 12.27
CA GLU A 52 12.98 12.00 11.00
C GLU A 52 11.96 10.88 10.80
N ASN A 53 11.57 10.22 11.89
CA ASN A 53 10.54 9.18 11.83
C ASN A 53 9.16 9.73 11.53
N LYS A 54 8.82 10.87 12.11
CA LYS A 54 7.57 11.55 11.77
C LYS A 54 7.52 11.91 10.27
N LYS A 55 8.64 12.34 9.72
CA LYS A 55 8.74 12.65 8.28
C LYS A 55 8.77 11.41 7.37
N ALA A 56 9.24 10.28 7.88
CA ALA A 56 9.21 9.02 7.13
C ALA A 56 7.83 8.36 7.18
N ILE A 57 7.04 8.68 8.21
CA ILE A 57 5.64 8.24 8.30
C ILE A 57 4.75 9.04 7.32
N GLU A 58 5.17 10.26 6.99
CA GLU A 58 4.49 11.08 5.98
C GLU A 58 4.88 10.72 4.53
N ASN A 59 5.29 9.47 4.30
CA ASN A 59 5.61 8.98 2.96
C ASN A 59 5.28 7.49 2.82
N LYS A 60 4.27 7.05 3.57
CA LYS A 60 3.81 5.67 3.58
C LYS A 60 2.29 5.70 3.41
N ALA A 61 1.73 4.57 2.97
CA ALA A 61 0.29 4.46 2.72
C ALA A 61 -0.41 3.84 3.92
N ASP A 62 -1.64 4.27 4.17
CA ASP A 62 -2.46 3.68 5.24
C ASP A 62 -2.98 2.31 4.85
N LYS A 63 -3.33 1.53 5.88
CA LYS A 63 -3.95 0.21 5.71
C LYS A 63 -5.23 0.24 4.87
N ALA A 64 -6.00 1.32 4.98
CA ALA A 64 -7.28 1.43 4.29
C ALA A 64 -7.12 1.42 2.78
N ASP A 65 -6.03 2.04 2.30
CA ASP A 65 -5.84 2.25 0.86
C ASP A 65 -5.40 0.97 0.19
N VAL A 66 -4.57 0.20 0.88
CA VAL A 66 -4.12 -1.11 0.39
C VAL A 66 -5.27 -2.14 0.48
N GLU A 67 -6.01 -2.09 1.59
CA GLU A 67 -7.23 -2.89 1.73
C GLU A 67 -8.16 -2.65 0.53
N LYS A 68 -8.32 -1.39 0.16
CA LYS A 68 -9.12 -1.03 -1.02
C LYS A 68 -8.56 -1.70 -2.27
N ASN A 69 -7.29 -1.48 -2.56
CA ASN A 69 -6.63 -2.12 -3.69
C ASN A 69 -6.90 -3.62 -3.73
N ARG A 70 -6.85 -4.27 -2.57
CA ARG A 70 -7.05 -5.71 -2.48
C ARG A 70 -8.47 -6.11 -2.92
N ALA A 71 -9.46 -5.32 -2.52
CA ALA A 71 -10.84 -5.55 -2.95
C ALA A 71 -11.00 -5.27 -4.44
N ASP A 72 -10.48 -4.13 -4.90
CA ASP A 72 -10.52 -3.77 -6.34
C ASP A 72 -9.99 -4.92 -7.19
N ILE A 73 -8.93 -5.56 -6.71
CA ILE A 73 -8.28 -6.64 -7.43
C ILE A 73 -9.14 -7.91 -7.50
N ALA A 74 -9.59 -8.37 -6.34
CA ALA A 74 -10.42 -9.59 -6.26
C ALA A 74 -11.73 -9.45 -7.04
N ALA A 75 -12.19 -8.21 -7.21
CA ALA A 75 -13.28 -7.90 -8.11
C ALA A 75 -12.86 -8.23 -9.54
N ASN A 76 -11.79 -7.57 -10.01
CA ASN A 76 -11.30 -7.78 -11.37
C ASN A 76 -10.94 -9.25 -11.66
N SER A 77 -10.66 -10.04 -10.62
CA SER A 77 -10.53 -11.49 -10.75
C SER A 77 -11.89 -12.18 -10.88
N ARG A 78 -12.84 -11.77 -10.03
CA ARG A 78 -14.20 -12.27 -10.09
C ARG A 78 -14.93 -11.83 -11.38
N ALA A 79 -14.66 -10.61 -11.83
CA ALA A 79 -15.30 -10.05 -13.03
C ALA A 79 -14.76 -10.66 -14.31
N ILE A 80 -13.44 -10.79 -14.41
CA ILE A 80 -12.80 -11.48 -15.53
C ILE A 80 -13.29 -12.93 -15.60
N ALA A 81 -13.06 -13.69 -14.53
CA ALA A 81 -13.37 -15.14 -14.48
C ALA A 81 -14.75 -15.48 -15.05
N THR A 82 -15.75 -14.66 -14.70
CA THR A 82 -17.07 -14.73 -15.33
C THR A 82 -16.95 -14.58 -16.85
N PHE A 83 -16.44 -13.43 -17.30
CA PHE A 83 -16.24 -13.15 -18.73
C PHE A 83 -15.40 -14.23 -19.44
N ARG A 84 -14.45 -14.83 -18.75
CA ARG A 84 -13.64 -15.92 -19.30
C ARG A 84 -14.51 -17.14 -19.72
N SER A 85 -15.49 -17.47 -18.89
CA SER A 85 -16.43 -18.57 -19.18
C SER A 85 -17.30 -18.29 -20.40
N SER A 86 -17.69 -17.02 -20.57
CA SER A 86 -18.43 -16.56 -21.76
C SER A 86 -17.66 -16.86 -23.05
N SER A 87 -16.53 -16.19 -23.24
CA SER A 87 -15.76 -16.21 -24.50
C SER A 87 -15.42 -17.59 -25.10
N GLN A 88 -15.70 -18.66 -24.36
CA GLN A 88 -15.70 -20.02 -24.92
C GLN A 88 -16.91 -20.28 -25.83
N ASN A 89 -17.86 -19.35 -25.81
CA ASN A 89 -19.00 -19.35 -26.73
C ASN A 89 -18.66 -18.78 -28.11
N ILE A 90 -17.47 -18.18 -28.26
CA ILE A 90 -16.93 -17.81 -29.56
C ILE A 90 -16.53 -19.06 -30.31
N ALA A 91 -15.71 -19.89 -29.65
CA ALA A 91 -15.26 -21.16 -30.19
C ALA A 91 -16.44 -21.98 -30.74
N ALA A 92 -17.60 -21.88 -30.09
CA ALA A 92 -18.83 -22.53 -30.56
C ALA A 92 -19.36 -21.96 -31.87
N LEU A 93 -19.32 -20.63 -32.02
CA LEU A 93 -19.79 -20.00 -33.25
C LEU A 93 -18.85 -20.28 -34.42
N THR A 94 -17.54 -20.32 -34.15
CA THR A 94 -16.53 -20.55 -35.20
C THR A 94 -16.65 -21.89 -35.91
N THR A 95 -16.92 -22.95 -35.16
CA THR A 95 -17.00 -24.31 -35.72
C THR A 95 -18.36 -24.50 -36.34
N LYS A 96 -19.39 -23.95 -35.69
CA LYS A 96 -20.75 -23.97 -36.22
C LYS A 96 -20.87 -23.17 -37.52
N MET A 97 -20.09 -22.10 -37.64
CA MET A 97 -20.02 -21.35 -38.90
C MET A 97 -19.35 -22.19 -39.96
N LYS A 98 -18.30 -22.90 -39.56
CA LYS A 98 -17.62 -23.85 -40.44
C LYS A 98 -18.59 -24.92 -41.00
N GLN A 99 -19.39 -25.54 -40.13
CA GLN A 99 -20.39 -26.54 -40.54
C GLN A 99 -21.37 -25.97 -41.55
N ILE A 100 -21.83 -24.75 -41.28
CA ILE A 100 -22.67 -24.01 -42.21
C ILE A 100 -21.95 -23.83 -43.54
N GLU A 101 -20.79 -23.19 -43.52
CA GLU A 101 -20.03 -22.98 -44.76
C GLU A 101 -20.02 -24.25 -45.59
N ASP A 102 -19.89 -25.39 -44.91
CA ASP A 102 -19.90 -26.69 -45.54
C ASP A 102 -21.28 -27.05 -46.11
N LYS A 103 -22.32 -26.88 -45.29
CA LYS A 103 -23.70 -27.16 -45.72
C LYS A 103 -24.12 -26.31 -46.91
N ILE A 104 -23.58 -25.09 -46.99
CA ILE A 104 -23.89 -24.19 -48.11
C ILE A 104 -23.23 -24.67 -49.42
N GLU A 105 -21.98 -25.13 -49.33
CA GLU A 105 -21.29 -25.60 -50.54
C GLU A 105 -21.88 -26.93 -51.00
N GLU A 106 -22.45 -27.66 -50.03
CA GLU A 106 -23.28 -28.82 -50.31
C GLU A 106 -24.53 -28.39 -51.07
N ILE A 107 -25.17 -27.33 -50.58
CA ILE A 107 -26.40 -26.82 -51.20
C ILE A 107 -26.13 -26.17 -52.56
N LEU A 108 -25.19 -25.25 -52.61
CA LEU A 108 -24.82 -24.59 -53.87
C LEU A 108 -24.56 -25.57 -55.00
N SER A 109 -23.88 -26.67 -54.71
CA SER A 109 -23.54 -27.64 -55.75
C SER A 109 -24.74 -28.52 -56.14
N LYS A 110 -25.63 -28.82 -55.19
CA LYS A 110 -26.88 -29.50 -55.50
C LYS A 110 -27.72 -28.67 -56.48
N ILE A 111 -27.79 -27.37 -56.21
CA ILE A 111 -28.49 -26.41 -57.09
C ILE A 111 -27.94 -26.40 -58.51
N TYR A 112 -26.61 -26.31 -58.64
CA TYR A 112 -25.98 -26.28 -59.96
C TYR A 112 -26.26 -27.56 -60.77
N HIS A 113 -26.27 -28.72 -60.10
CA HIS A 113 -26.64 -29.96 -60.76
C HIS A 113 -28.11 -29.91 -61.13
N ILE A 114 -28.95 -29.33 -60.26
CA ILE A 114 -30.36 -29.14 -60.61
C ILE A 114 -30.55 -28.25 -61.85
N GLU A 115 -29.94 -27.06 -61.85
CA GLU A 115 -29.97 -26.16 -63.02
C GLU A 115 -29.66 -26.95 -64.27
N ASN A 116 -28.60 -27.74 -64.22
CA ASN A 116 -28.19 -28.59 -65.35
C ASN A 116 -29.25 -29.58 -65.82
N GLU A 117 -29.85 -30.30 -64.88
CA GLU A 117 -30.90 -31.24 -65.23
C GLU A 117 -32.02 -30.52 -65.94
N ILE A 118 -32.41 -29.38 -65.38
CA ILE A 118 -33.51 -28.59 -65.89
C ILE A 118 -33.22 -28.08 -67.29
N ALA A 119 -31.97 -27.66 -67.52
CA ALA A 119 -31.54 -27.18 -68.83
C ALA A 119 -31.77 -28.28 -69.85
N ARG A 120 -31.46 -29.51 -69.45
CA ARG A 120 -31.68 -30.68 -70.29
C ARG A 120 -33.18 -30.92 -70.46
N ILE A 121 -33.92 -30.98 -69.36
CA ILE A 121 -35.35 -31.19 -69.47
C ILE A 121 -36.01 -30.14 -70.39
N LYS A 122 -35.66 -28.87 -70.21
CA LYS A 122 -36.22 -27.81 -71.06
C LYS A 122 -36.03 -28.14 -72.53
N LYS A 123 -34.89 -28.73 -72.85
CA LYS A 123 -34.55 -29.03 -74.22
C LYS A 123 -35.30 -30.26 -74.70
N LEU A 124 -35.29 -31.32 -73.90
CA LEU A 124 -35.97 -32.58 -74.22
C LEU A 124 -37.47 -32.39 -74.46
N ILE A 125 -38.07 -31.46 -73.71
CA ILE A 125 -39.49 -31.18 -73.90
C ILE A 125 -39.75 -30.38 -75.16
N LYS A 126 -38.83 -29.49 -75.52
CA LYS A 126 -38.90 -28.80 -76.82
C LYS A 126 -38.60 -29.75 -77.99
N LEU A 127 -37.98 -30.91 -77.70
CA LEU A 127 -37.65 -31.90 -78.74
C LEU A 127 -38.78 -32.90 -79.09
N HIS A 128 -39.93 -32.82 -78.41
CA HIS A 128 -41.04 -33.74 -78.67
C HIS A 128 -41.66 -33.58 -80.07
N MET B 1 40.56 39.77 78.30
CA MET B 1 40.46 38.70 77.24
C MET B 1 39.21 38.77 76.35
N LYS B 2 38.57 39.95 76.26
CA LYS B 2 37.21 40.05 75.70
C LYS B 2 37.12 40.81 74.37
N GLN B 3 38.05 40.52 73.48
CA GLN B 3 37.90 40.78 72.04
C GLN B 3 38.17 39.51 71.24
N ILE B 4 39.20 38.78 71.66
CA ILE B 4 39.43 37.42 71.20
C ILE B 4 38.15 36.58 71.38
N GLU B 5 37.42 36.80 72.46
CA GLU B 5 36.15 36.09 72.71
C GLU B 5 35.03 36.50 71.77
N ASP B 6 34.94 37.78 71.45
CA ASP B 6 33.94 38.30 70.51
C ASP B 6 34.15 37.80 69.08
N LYS B 7 35.41 37.69 68.66
CA LYS B 7 35.71 37.12 67.35
C LYS B 7 35.45 35.64 67.34
N ILE B 8 35.80 34.95 68.42
CA ILE B 8 35.56 33.51 68.49
C ILE B 8 34.08 33.19 68.40
N GLU B 9 33.27 33.92 69.16
CA GLU B 9 31.81 33.82 69.04
C GLU B 9 31.33 34.06 67.59
N GLU B 10 31.90 35.05 66.92
CA GLU B 10 31.51 35.37 65.55
C GLU B 10 31.76 34.18 64.63
N ILE B 11 32.88 33.50 64.88
CA ILE B 11 33.25 32.31 64.13
C ILE B 11 32.29 31.14 64.44
N LEU B 12 32.05 30.86 65.72
CA LEU B 12 31.14 29.75 66.07
C LEU B 12 29.78 29.87 65.43
N SER B 13 29.26 31.09 65.35
CA SER B 13 28.02 31.36 64.64
C SER B 13 28.20 31.12 63.14
N LYS B 14 29.29 31.63 62.58
CA LYS B 14 29.60 31.43 61.16
C LYS B 14 29.76 29.97 60.78
N ILE B 15 30.50 29.22 61.59
CA ILE B 15 30.68 27.77 61.36
C ILE B 15 29.36 27.01 61.36
N TYR B 16 28.51 27.30 62.33
CA TYR B 16 27.22 26.63 62.42
C TYR B 16 26.36 26.90 61.18
N HIS B 17 26.42 28.12 60.69
CA HIS B 17 25.71 28.50 59.49
C HIS B 17 26.28 27.73 58.29
N ILE B 18 27.60 27.77 58.12
CA ILE B 18 28.24 27.01 57.04
C ILE B 18 27.89 25.53 57.06
N GLU B 19 27.92 24.92 58.24
CA GLU B 19 27.52 23.52 58.35
C GLU B 19 26.09 23.33 57.83
N ASN B 20 25.19 24.19 58.28
CA ASN B 20 23.78 24.12 57.84
C ASN B 20 23.61 24.30 56.33
N GLU B 21 24.41 25.18 55.73
CA GLU B 21 24.37 25.36 54.27
C GLU B 21 24.88 24.11 53.56
N ILE B 22 25.96 23.52 54.06
CA ILE B 22 26.52 22.32 53.44
C ILE B 22 25.54 21.13 53.45
N ALA B 23 24.80 20.96 54.54
CA ALA B 23 23.71 19.96 54.60
C ALA B 23 22.61 20.20 53.57
N ARG B 24 22.30 21.47 53.31
CA ARG B 24 21.37 21.81 52.24
C ARG B 24 21.95 21.42 50.87
N ILE B 25 23.19 21.78 50.63
CA ILE B 25 23.84 21.44 49.38
C ILE B 25 23.85 19.95 49.10
N LYS B 26 24.22 19.14 50.08
CA LYS B 26 24.33 17.67 49.88
C LYS B 26 23.05 17.02 49.41
N LYS B 27 21.97 17.24 50.16
CA LYS B 27 20.69 16.63 49.80
C LYS B 27 20.17 17.23 48.49
N LEU B 28 20.32 18.54 48.30
CA LEU B 28 19.99 19.13 47.01
C LEU B 28 20.77 18.39 45.92
N ILE B 29 22.08 18.36 46.06
CA ILE B 29 22.98 17.67 45.11
C ILE B 29 22.56 16.23 44.86
N GLN B 30 22.23 15.54 45.94
CA GLN B 30 21.82 14.15 45.85
C GLN B 30 20.67 14.03 44.86
N ASN B 31 19.63 14.83 45.06
CA ASN B 31 18.43 14.78 44.22
C ASN B 31 18.64 15.11 42.75
N VAL B 32 19.53 16.04 42.48
CA VAL B 32 19.83 16.36 41.08
C VAL B 32 20.55 15.15 40.46
N ASP B 33 21.37 14.50 41.27
CA ASP B 33 22.09 13.30 40.82
C ASP B 33 21.08 12.20 40.52
N VAL B 34 20.26 11.89 41.51
CA VAL B 34 19.16 10.95 41.33
C VAL B 34 18.34 11.22 40.06
N ARG B 35 17.93 12.48 39.86
CA ARG B 35 17.09 12.83 38.71
C ARG B 35 17.84 12.74 37.39
N SER B 36 19.11 13.14 37.37
CA SER B 36 19.91 13.09 36.14
C SER B 36 20.17 11.67 35.65
N THR B 37 20.23 10.73 36.57
CA THR B 37 20.43 9.33 36.20
C THR B 37 19.12 8.75 35.62
N GLU B 38 17.98 9.15 36.18
CA GLU B 38 16.70 8.81 35.56
C GLU B 38 16.70 9.34 34.14
N ASN B 39 16.88 10.66 34.00
CA ASN B 39 16.82 11.28 32.67
C ASN B 39 17.72 10.58 31.66
N ALA B 40 18.88 10.14 32.12
CA ALA B 40 19.80 9.32 31.31
C ALA B 40 19.16 7.97 30.90
N ALA B 41 18.58 7.28 31.86
CA ALA B 41 17.91 6.00 31.58
C ALA B 41 16.75 6.19 30.62
N ARG B 42 15.94 7.21 30.90
CA ARG B 42 14.82 7.60 30.04
C ARG B 42 15.26 7.92 28.60
N SER B 43 16.33 8.68 28.44
CA SER B 43 16.74 9.11 27.09
C SER B 43 17.38 8.00 26.25
N ARG B 44 17.90 6.96 26.91
CA ARG B 44 18.49 5.84 26.20
C ARG B 44 17.44 4.80 25.80
N ALA B 45 16.50 4.54 26.70
CA ALA B 45 15.31 3.79 26.35
C ALA B 45 14.65 4.42 25.13
N ASN B 46 14.27 5.69 25.24
CA ASN B 46 13.73 6.44 24.10
C ASN B 46 14.55 6.29 22.83
N GLU B 47 15.87 6.29 22.98
CA GLU B 47 16.76 6.01 21.87
C GLU B 47 16.44 4.63 21.28
N GLN B 48 16.36 3.61 22.13
CA GLN B 48 15.99 2.25 21.70
C GLN B 48 14.64 2.22 20.97
N LYS B 49 13.69 2.99 21.50
CA LYS B 49 12.32 3.00 20.98
C LYS B 49 12.22 3.78 19.69
N ILE B 50 13.00 4.84 19.56
CA ILE B 50 13.14 5.54 18.29
C ILE B 50 13.70 4.60 17.21
N ALA B 51 14.71 3.82 17.57
CA ALA B 51 15.31 2.84 16.64
C ALA B 51 14.28 1.83 16.16
N GLU B 52 13.62 1.17 17.11
CA GLU B 52 12.54 0.23 16.81
C GLU B 52 11.58 0.78 15.76
N ASN B 53 11.17 2.05 15.94
CA ASN B 53 10.27 2.73 15.02
C ASN B 53 10.88 2.91 13.65
N LYS B 54 12.17 3.21 13.61
CA LYS B 54 12.89 3.38 12.34
C LYS B 54 12.85 2.09 11.52
N LYS B 55 12.99 0.94 12.19
CA LYS B 55 12.90 -0.36 11.51
C LYS B 55 11.47 -0.65 11.05
N ALA B 56 10.51 -0.68 11.99
CA ALA B 56 9.10 -0.85 11.65
C ALA B 56 8.71 0.01 10.43
N ILE B 57 9.03 1.31 10.49
CA ILE B 57 8.82 2.22 9.35
C ILE B 57 9.36 1.64 8.03
N GLU B 58 10.53 1.01 8.08
CA GLU B 58 11.18 0.39 6.91
C GLU B 58 10.42 -0.82 6.32
N ASN B 59 9.50 -1.39 7.08
CA ASN B 59 8.70 -2.53 6.61
C ASN B 59 7.32 -2.11 6.08
N LYS B 60 7.03 -0.81 6.10
CA LYS B 60 5.80 -0.29 5.56
C LYS B 60 6.01 0.13 4.12
N ALA B 61 4.90 0.32 3.39
CA ALA B 61 4.93 0.55 1.95
C ALA B 61 4.98 2.03 1.59
N ASP B 62 5.86 2.39 0.65
CA ASP B 62 5.91 3.78 0.15
C ASP B 62 4.66 4.09 -0.67
N LYS B 63 3.95 5.13 -0.25
CA LYS B 63 2.69 5.58 -0.86
C LYS B 63 2.69 5.47 -2.39
N ALA B 64 3.79 5.93 -3.00
CA ALA B 64 3.93 5.96 -4.46
C ALA B 64 3.68 4.60 -5.13
N ASP B 65 4.02 3.52 -4.43
CA ASP B 65 3.76 2.17 -4.93
C ASP B 65 2.28 1.79 -4.83
N VAL B 66 1.66 2.20 -3.72
CA VAL B 66 0.23 2.02 -3.53
C VAL B 66 -0.57 2.89 -4.51
N GLU B 67 -0.06 4.08 -4.81
CA GLU B 67 -0.66 4.96 -5.83
C GLU B 67 -0.51 4.42 -7.25
N LYS B 68 0.63 3.78 -7.54
CA LYS B 68 0.81 3.05 -8.79
C LYS B 68 -0.32 2.04 -8.93
N ASN B 69 -0.38 1.13 -7.97
CA ASN B 69 -1.38 0.07 -7.98
C ASN B 69 -2.80 0.59 -8.24
N ARG B 70 -3.19 1.64 -7.53
CA ARG B 70 -4.51 2.25 -7.76
C ARG B 70 -4.72 2.57 -9.25
N ALA B 71 -3.78 3.29 -9.84
CA ALA B 71 -3.87 3.68 -11.24
C ALA B 71 -3.93 2.47 -12.15
N ASP B 72 -3.00 1.54 -11.98
CA ASP B 72 -2.97 0.30 -12.77
C ASP B 72 -4.31 -0.44 -12.67
N ILE B 73 -4.80 -0.60 -11.44
CA ILE B 73 -6.09 -1.26 -11.22
C ILE B 73 -7.21 -0.57 -12.02
N ALA B 74 -7.22 0.75 -11.99
CA ALA B 74 -8.27 1.52 -12.69
C ALA B 74 -8.18 1.34 -14.21
N ALA B 75 -6.97 1.37 -14.75
CA ALA B 75 -6.73 1.14 -16.18
C ALA B 75 -7.02 -0.31 -16.58
N ASN B 76 -6.93 -1.24 -15.63
CA ASN B 76 -7.44 -2.59 -15.85
C ASN B 76 -8.95 -2.57 -15.89
N SER B 77 -9.54 -1.92 -14.89
CA SER B 77 -10.98 -1.72 -14.83
C SER B 77 -11.52 -1.00 -16.08
N ARG B 78 -10.73 -0.08 -16.63
CA ARG B 78 -11.05 0.59 -17.88
C ARG B 78 -11.20 -0.42 -19.01
N ALA B 79 -10.17 -1.26 -19.18
CA ALA B 79 -10.16 -2.29 -20.22
C ALA B 79 -10.85 -3.58 -19.76
N ILE B 80 -12.00 -3.46 -19.12
CA ILE B 80 -12.79 -4.62 -18.67
C ILE B 80 -14.29 -4.39 -18.88
N ALA B 81 -14.79 -3.20 -18.51
CA ALA B 81 -16.09 -2.73 -19.00
C ALA B 81 -16.03 -2.62 -20.53
N THR B 82 -14.88 -2.16 -21.04
CA THR B 82 -14.58 -2.15 -22.48
C THR B 82 -14.91 -3.49 -23.14
N PHE B 83 -14.65 -4.60 -22.45
CA PHE B 83 -15.03 -5.94 -22.92
C PHE B 83 -16.26 -6.48 -22.17
N ARG B 84 -17.32 -5.67 -22.14
CA ARG B 84 -18.69 -6.10 -21.77
C ARG B 84 -19.59 -6.04 -23.00
N SER B 85 -19.38 -5.04 -23.85
CA SER B 85 -20.08 -4.95 -25.14
C SER B 85 -19.53 -5.91 -26.20
N SER B 86 -18.33 -6.46 -25.97
CA SER B 86 -17.83 -7.54 -26.79
C SER B 86 -18.86 -8.68 -26.73
N SER B 87 -19.18 -9.13 -25.52
CA SER B 87 -20.21 -10.16 -25.29
C SER B 87 -21.64 -9.71 -25.62
N GLN B 88 -21.88 -8.39 -25.62
CA GLN B 88 -23.12 -7.81 -26.14
C GLN B 88 -23.27 -8.09 -27.63
N ASN B 89 -22.15 -8.00 -28.35
CA ASN B 89 -22.09 -8.33 -29.76
C ASN B 89 -22.26 -9.83 -30.03
N ILE B 90 -21.85 -10.67 -29.07
CA ILE B 90 -21.96 -12.13 -29.21
C ILE B 90 -23.41 -12.59 -29.27
N ALA B 91 -24.22 -12.15 -28.30
CA ALA B 91 -25.63 -12.57 -28.19
C ALA B 91 -26.46 -12.29 -29.46
N ALA B 92 -26.06 -11.27 -30.22
CA ALA B 92 -26.66 -10.99 -31.53
C ALA B 92 -26.19 -12.00 -32.57
N LEU B 93 -24.90 -12.34 -32.52
CA LEU B 93 -24.32 -13.33 -33.43
C LEU B 93 -24.89 -14.73 -33.20
N THR B 94 -25.11 -15.10 -31.95
CA THR B 94 -25.70 -16.41 -31.64
C THR B 94 -27.13 -16.54 -32.15
N THR B 95 -27.93 -15.48 -32.03
CA THR B 95 -29.30 -15.51 -32.53
C THR B 95 -29.30 -15.40 -34.05
N LYS B 96 -28.53 -14.46 -34.58
CA LYS B 96 -28.36 -14.31 -36.02
C LYS B 96 -27.89 -15.63 -36.64
N MET B 97 -27.10 -16.38 -35.87
CA MET B 97 -26.64 -17.72 -36.27
C MET B 97 -27.76 -18.76 -36.39
N LYS B 98 -28.50 -18.94 -35.31
CA LYS B 98 -29.68 -19.84 -35.31
C LYS B 98 -30.75 -19.44 -36.33
N GLN B 99 -30.77 -18.18 -36.74
CA GLN B 99 -31.66 -17.75 -37.83
C GLN B 99 -31.17 -18.30 -39.16
N ILE B 100 -29.85 -18.37 -39.32
CA ILE B 100 -29.24 -18.97 -40.49
C ILE B 100 -29.36 -20.50 -40.49
N GLU B 101 -29.21 -21.13 -39.33
CA GLU B 101 -29.35 -22.60 -39.26
C GLU B 101 -30.75 -23.07 -39.67
N ASP B 102 -31.78 -22.37 -39.19
CA ASP B 102 -33.18 -22.67 -39.54
C ASP B 102 -33.48 -22.44 -41.02
N LYS B 103 -32.80 -21.46 -41.62
CA LYS B 103 -32.91 -21.22 -43.05
C LYS B 103 -32.34 -22.42 -43.78
N ILE B 104 -31.06 -22.70 -43.55
CA ILE B 104 -30.35 -23.76 -44.28
C ILE B 104 -31.11 -25.08 -44.35
N GLU B 105 -31.81 -25.44 -43.28
CA GLU B 105 -32.54 -26.70 -43.29
C GLU B 105 -33.79 -26.61 -44.16
N GLU B 106 -34.48 -25.45 -44.09
CA GLU B 106 -35.60 -25.17 -44.97
C GLU B 106 -35.15 -25.21 -46.43
N ILE B 107 -34.03 -24.56 -46.72
CA ILE B 107 -33.45 -24.57 -48.06
C ILE B 107 -33.26 -26.01 -48.54
N LEU B 108 -32.63 -26.81 -47.68
CA LEU B 108 -32.47 -28.25 -47.94
C LEU B 108 -33.79 -28.94 -48.21
N SER B 109 -34.76 -28.73 -47.35
CA SER B 109 -36.08 -29.36 -47.50
C SER B 109 -36.80 -29.02 -48.82
N LYS B 110 -36.64 -27.79 -49.30
CA LYS B 110 -37.24 -27.41 -50.56
C LYS B 110 -36.45 -28.11 -51.67
N ILE B 111 -35.13 -28.13 -51.52
CA ILE B 111 -34.27 -28.80 -52.48
C ILE B 111 -34.55 -30.30 -52.59
N TYR B 112 -34.75 -30.98 -51.48
CA TYR B 112 -35.08 -32.41 -51.54
C TYR B 112 -36.38 -32.64 -52.33
N HIS B 113 -37.41 -31.84 -52.06
CA HIS B 113 -38.71 -31.92 -52.79
C HIS B 113 -38.56 -31.55 -54.27
N ILE B 114 -37.62 -30.68 -54.59
CA ILE B 114 -37.30 -30.35 -55.99
C ILE B 114 -36.74 -31.58 -56.70
N GLU B 115 -35.74 -32.20 -56.09
CA GLU B 115 -35.12 -33.41 -56.61
C GLU B 115 -36.19 -34.44 -56.94
N ASN B 116 -37.05 -34.75 -55.96
CA ASN B 116 -38.13 -35.71 -56.16
C ASN B 116 -38.93 -35.40 -57.43
N GLU B 117 -39.28 -34.13 -57.61
CA GLU B 117 -40.16 -33.73 -58.69
C GLU B 117 -39.46 -33.70 -60.04
N ILE B 118 -38.14 -33.56 -60.02
CA ILE B 118 -37.34 -33.73 -61.22
C ILE B 118 -37.30 -35.20 -61.58
N ALA B 119 -36.99 -36.04 -60.61
CA ALA B 119 -36.97 -37.47 -60.86
C ALA B 119 -38.27 -37.86 -61.54
N ARG B 120 -39.37 -37.28 -61.08
CA ARG B 120 -40.68 -37.49 -61.69
C ARG B 120 -40.72 -36.94 -63.11
N ILE B 121 -40.36 -35.68 -63.30
CA ILE B 121 -40.38 -35.11 -64.65
C ILE B 121 -39.57 -35.95 -65.65
N LYS B 122 -38.42 -36.45 -65.22
CA LYS B 122 -37.52 -37.18 -66.13
C LYS B 122 -38.15 -38.50 -66.52
N LYS B 123 -38.72 -39.20 -65.54
CA LYS B 123 -39.37 -40.45 -65.83
C LYS B 123 -40.55 -40.28 -66.77
N LEU B 124 -41.26 -39.16 -66.63
CA LEU B 124 -42.43 -38.85 -67.48
C LEU B 124 -42.05 -38.60 -68.92
N ILE B 125 -40.86 -38.04 -69.12
CA ILE B 125 -40.37 -37.72 -70.46
C ILE B 125 -39.92 -38.96 -71.22
N LYS B 126 -39.11 -39.81 -70.56
CA LYS B 126 -38.60 -41.00 -71.23
C LYS B 126 -39.75 -41.88 -71.71
N LEU B 127 -40.79 -42.03 -70.87
CA LEU B 127 -41.98 -42.84 -71.21
C LEU B 127 -42.78 -42.31 -72.43
N HIS B 128 -42.61 -41.03 -72.75
CA HIS B 128 -43.14 -40.45 -74.00
C HIS B 128 -42.03 -40.32 -75.05
N MET C 1 48.75 34.68 72.83
CA MET C 1 48.92 36.12 72.47
C MET C 1 48.80 36.24 70.94
N LYS C 2 49.74 36.94 70.31
CA LYS C 2 49.75 37.09 68.84
C LYS C 2 49.74 35.78 68.02
N GLN C 3 50.21 34.67 68.60
CA GLN C 3 50.07 33.35 67.93
C GLN C 3 48.58 32.98 67.79
N ILE C 4 47.81 33.32 68.82
CA ILE C 4 46.35 33.25 68.78
C ILE C 4 45.76 34.20 67.74
N GLU C 5 46.16 35.47 67.78
CA GLU C 5 45.66 36.47 66.83
C GLU C 5 46.08 36.18 65.37
N ASP C 6 47.09 35.33 65.19
CA ASP C 6 47.45 34.79 63.87
C ASP C 6 46.58 33.61 63.46
N LYS C 7 46.36 32.69 64.39
CA LYS C 7 45.44 31.60 64.13
C LYS C 7 44.07 32.16 63.81
N ILE C 8 43.63 33.15 64.56
CA ILE C 8 42.36 33.78 64.28
C ILE C 8 42.39 34.45 62.90
N GLU C 9 43.43 35.21 62.63
CA GLU C 9 43.61 35.80 61.30
C GLU C 9 43.56 34.77 60.15
N GLU C 10 44.10 33.58 60.42
CA GLU C 10 44.07 32.49 59.45
C GLU C 10 42.66 31.91 59.39
N ILE C 11 42.06 31.78 60.56
CA ILE C 11 40.73 31.21 60.69
C ILE C 11 39.69 32.08 60.00
N LEU C 12 39.79 33.39 60.15
CA LEU C 12 38.89 34.30 59.42
C LEU C 12 39.07 34.21 57.91
N SER C 13 40.32 34.15 57.45
CA SER C 13 40.62 34.16 56.01
C SER C 13 40.07 32.91 55.32
N LYS C 14 40.27 31.75 55.96
CA LYS C 14 39.68 30.50 55.52
C LYS C 14 38.17 30.62 55.42
N ILE C 15 37.56 31.09 56.51
CA ILE C 15 36.10 31.23 56.63
C ILE C 15 35.54 32.08 55.50
N TYR C 16 36.15 33.24 55.26
CA TYR C 16 35.69 34.10 54.19
C TYR C 16 35.79 33.35 52.86
N HIS C 17 36.85 32.58 52.66
CA HIS C 17 37.07 31.89 51.39
C HIS C 17 36.06 30.77 51.23
N ILE C 18 35.82 30.04 52.31
CA ILE C 18 34.74 29.04 52.35
C ILE C 18 33.36 29.61 52.00
N GLU C 19 33.10 30.85 52.40
CA GLU C 19 31.77 31.46 52.13
C GLU C 19 31.54 31.77 50.65
N ASN C 20 32.59 32.25 49.99
CA ASN C 20 32.57 32.52 48.55
C ASN C 20 32.34 31.26 47.75
N GLU C 21 33.02 30.18 48.16
CA GLU C 21 32.85 28.88 47.49
C GLU C 21 31.43 28.34 47.60
N ILE C 22 30.83 28.53 48.77
CA ILE C 22 29.47 28.03 49.00
C ILE C 22 28.49 28.77 48.13
N ALA C 23 28.59 30.09 48.11
CA ALA C 23 27.74 30.90 47.26
C ALA C 23 27.89 30.41 45.82
N ARG C 24 29.11 30.42 45.31
CA ARG C 24 29.40 29.88 43.98
C ARG C 24 28.90 28.43 43.82
N ILE C 25 29.08 27.58 44.81
CA ILE C 25 28.54 26.20 44.74
C ILE C 25 27.03 26.17 44.60
N LYS C 26 26.32 26.93 45.45
CA LYS C 26 24.86 26.99 45.41
C LYS C 26 24.38 27.40 44.04
N LYS C 27 25.01 28.44 43.48
CA LYS C 27 24.70 28.91 42.14
C LYS C 27 24.73 27.75 41.14
N LEU C 28 25.86 27.05 41.10
CA LEU C 28 26.07 25.91 40.17
C LEU C 28 25.00 24.84 40.31
N ILE C 29 24.59 24.56 41.54
CA ILE C 29 23.57 23.54 41.80
C ILE C 29 22.24 23.97 41.24
N GLN C 30 21.93 25.27 41.38
CA GLN C 30 20.77 25.87 40.73
C GLN C 30 20.82 25.76 39.20
N ASN C 31 21.96 26.09 38.60
CA ASN C 31 22.12 25.93 37.14
C ASN C 31 21.77 24.49 36.76
N VAL C 32 22.45 23.52 37.36
CA VAL C 32 22.23 22.10 37.03
C VAL C 32 20.85 21.54 37.43
N ASP C 33 20.27 22.05 38.50
CA ASP C 33 18.96 21.56 38.98
C ASP C 33 17.86 21.96 38.01
N VAL C 34 18.07 23.10 37.37
CA VAL C 34 17.13 23.64 36.41
C VAL C 34 17.26 22.90 35.08
N ARG C 35 18.49 22.69 34.62
CA ARG C 35 18.69 21.91 33.40
C ARG C 35 18.07 20.52 33.56
N SER C 36 18.38 19.81 34.64
CA SER C 36 17.92 18.42 34.78
C SER C 36 16.40 18.28 34.76
N THR C 37 15.68 19.33 35.19
CA THR C 37 14.21 19.34 35.13
C THR C 37 13.71 19.70 33.73
N GLU C 38 14.45 20.55 33.01
CA GLU C 38 14.13 20.83 31.61
C GLU C 38 14.43 19.61 30.73
N ASN C 39 15.42 18.80 31.13
CA ASN C 39 15.69 17.50 30.50
C ASN C 39 14.62 16.45 30.76
N ALA C 40 14.08 16.45 31.99
CA ALA C 40 13.03 15.49 32.40
C ALA C 40 11.72 15.73 31.64
N ALA C 41 11.46 17.00 31.34
CA ALA C 41 10.31 17.39 30.55
C ALA C 41 10.57 17.12 29.06
N ARG C 42 11.79 17.37 28.60
CA ARG C 42 12.16 17.14 27.20
C ARG C 42 12.13 15.66 26.84
N SER C 43 12.40 14.78 27.80
CA SER C 43 12.40 13.34 27.58
C SER C 43 11.01 12.70 27.76
N ARG C 44 10.19 13.28 28.62
CA ARG C 44 8.79 12.85 28.72
C ARG C 44 7.97 13.33 27.53
N ALA C 45 8.35 14.48 26.97
CA ALA C 45 7.80 14.92 25.70
C ALA C 45 8.11 13.88 24.61
N ASN C 46 9.40 13.53 24.52
CA ASN C 46 9.86 12.59 23.51
C ASN C 46 9.23 11.20 23.61
N GLU C 47 9.15 10.64 24.80
CA GLU C 47 8.61 9.27 24.95
C GLU C 47 7.13 9.18 24.55
N GLN C 48 6.43 10.33 24.60
CA GLN C 48 5.03 10.43 24.22
C GLN C 48 4.89 10.69 22.71
N LYS C 49 5.86 11.40 22.13
CA LYS C 49 5.95 11.53 20.67
C LYS C 49 6.23 10.18 20.04
N ILE C 50 7.10 9.40 20.68
CA ILE C 50 7.46 8.06 20.23
C ILE C 50 6.28 7.07 20.32
N ALA C 51 5.46 7.18 21.35
CA ALA C 51 4.25 6.33 21.46
C ALA C 51 3.19 6.70 20.42
N GLU C 52 3.21 7.95 19.98
CA GLU C 52 2.43 8.40 18.83
C GLU C 52 2.95 7.75 17.55
N ASN C 53 4.28 7.81 17.36
CA ASN C 53 4.90 7.16 16.19
C ASN C 53 4.68 5.66 16.18
N LYS C 54 4.83 5.02 17.33
CA LYS C 54 4.59 3.58 17.43
C LYS C 54 3.16 3.28 16.99
N LYS C 55 2.23 4.13 17.41
CA LYS C 55 0.80 3.98 17.08
C LYS C 55 0.55 4.27 15.58
N ALA C 56 1.02 5.43 15.10
CA ALA C 56 0.81 5.86 13.71
C ALA C 56 1.44 4.91 12.69
N ILE C 57 2.38 4.09 13.15
CA ILE C 57 2.94 3.03 12.33
C ILE C 57 1.97 1.84 12.25
N GLU C 58 1.27 1.53 13.35
CA GLU C 58 0.31 0.39 13.41
C GLU C 58 -0.96 0.69 12.60
N ASN C 59 -0.77 1.09 11.35
CA ASN C 59 -1.79 1.79 10.59
C ASN C 59 -1.31 1.88 9.15
N LYS C 60 -0.04 2.22 9.00
CA LYS C 60 0.63 2.13 7.73
C LYS C 60 0.65 0.67 7.24
N ALA C 61 0.46 0.49 5.93
CA ALA C 61 0.28 -0.83 5.34
C ALA C 61 1.61 -1.49 5.10
N ASP C 62 1.64 -2.81 5.25
CA ASP C 62 2.85 -3.60 4.96
C ASP C 62 3.30 -3.46 3.51
N LYS C 63 4.55 -3.84 3.27
CA LYS C 63 5.15 -3.86 1.94
C LYS C 63 4.80 -5.17 1.22
N ALA C 64 4.61 -6.24 2.00
CA ALA C 64 4.26 -7.55 1.45
C ALA C 64 2.83 -7.57 0.93
N ASP C 65 1.95 -6.83 1.59
CA ASP C 65 0.57 -6.65 1.11
C ASP C 65 0.55 -5.95 -0.25
N VAL C 66 1.36 -4.91 -0.40
CA VAL C 66 1.38 -4.10 -1.61
C VAL C 66 2.19 -4.74 -2.74
N GLU C 67 3.06 -5.70 -2.40
CA GLU C 67 3.73 -6.49 -3.44
C GLU C 67 2.89 -7.69 -3.90
N LYS C 68 1.98 -8.15 -3.05
CA LYS C 68 0.97 -9.13 -3.49
C LYS C 68 0.07 -8.44 -4.52
N ASN C 69 -0.46 -7.28 -4.16
CA ASN C 69 -1.33 -6.52 -5.07
C ASN C 69 -0.69 -6.23 -6.43
N ARG C 70 0.54 -5.72 -6.46
CA ARG C 70 1.22 -5.48 -7.76
C ARG C 70 1.45 -6.77 -8.58
N ALA C 71 1.44 -7.93 -7.92
CA ALA C 71 1.48 -9.21 -8.62
C ALA C 71 0.11 -9.54 -9.19
N ASP C 72 -0.91 -9.52 -8.34
CA ASP C 72 -2.29 -9.83 -8.75
C ASP C 72 -2.79 -8.85 -9.82
N ILE C 73 -2.27 -7.63 -9.79
CA ILE C 73 -2.55 -6.64 -10.82
C ILE C 73 -1.94 -7.08 -12.15
N ALA C 74 -0.63 -7.36 -12.14
CA ALA C 74 0.04 -7.81 -13.36
C ALA C 74 -0.51 -9.16 -13.85
N ALA C 75 -1.09 -9.94 -12.93
CA ALA C 75 -1.78 -11.17 -13.28
C ALA C 75 -3.00 -10.87 -14.11
N ASN C 76 -3.82 -9.94 -13.63
CA ASN C 76 -5.03 -9.53 -14.32
C ASN C 76 -4.73 -8.75 -15.60
N SER C 77 -3.63 -7.98 -15.58
CA SER C 77 -3.11 -7.34 -16.78
C SER C 77 -2.90 -8.35 -17.90
N ARG C 78 -2.25 -9.47 -17.56
CA ARG C 78 -1.90 -10.51 -18.54
C ARG C 78 -3.15 -11.26 -19.02
N ALA C 79 -4.11 -11.46 -18.12
CA ALA C 79 -5.39 -12.05 -18.48
C ALA C 79 -6.15 -11.19 -19.49
N ILE C 80 -5.94 -9.88 -19.44
CA ILE C 80 -6.52 -8.95 -20.44
C ILE C 80 -5.90 -9.13 -21.85
N ALA C 81 -4.66 -9.61 -21.93
CA ALA C 81 -4.02 -9.95 -23.22
C ALA C 81 -4.41 -11.35 -23.70
N THR C 82 -4.93 -12.17 -22.79
CA THR C 82 -5.47 -13.49 -23.10
C THR C 82 -6.88 -13.37 -23.67
N PHE C 83 -7.66 -12.41 -23.13
CA PHE C 83 -9.03 -12.14 -23.59
C PHE C 83 -9.19 -10.76 -24.21
N ARG C 84 -8.16 -10.30 -24.92
CA ARG C 84 -8.31 -9.21 -25.89
C ARG C 84 -8.34 -9.79 -27.32
N SER C 85 -7.87 -11.04 -27.48
CA SER C 85 -7.84 -11.73 -28.78
C SER C 85 -9.26 -12.01 -29.28
N SER C 86 -10.08 -12.54 -28.37
CA SER C 86 -11.47 -12.91 -28.67
C SER C 86 -12.42 -11.71 -28.85
N SER C 87 -11.87 -10.50 -28.94
CA SER C 87 -12.61 -9.32 -29.41
C SER C 87 -12.61 -9.26 -30.94
N GLN C 88 -11.43 -9.41 -31.52
CA GLN C 88 -11.27 -9.35 -32.99
C GLN C 88 -11.74 -10.63 -33.68
N ASN C 89 -12.03 -11.67 -32.91
CA ASN C 89 -12.79 -12.83 -33.41
C ASN C 89 -14.28 -12.50 -33.66
N ILE C 90 -14.81 -11.53 -32.91
CA ILE C 90 -16.22 -11.12 -33.07
C ILE C 90 -16.39 -10.35 -34.37
N ALA C 91 -15.57 -9.33 -34.56
CA ALA C 91 -15.53 -8.54 -35.79
C ALA C 91 -15.20 -9.39 -37.04
N ALA C 92 -14.64 -10.58 -36.82
CA ALA C 92 -14.39 -11.55 -37.90
C ALA C 92 -15.58 -12.49 -38.12
N LEU C 93 -16.25 -12.84 -37.03
CA LEU C 93 -17.44 -13.68 -37.11
C LEU C 93 -18.68 -12.90 -37.59
N THR C 94 -18.68 -11.57 -37.47
CA THR C 94 -19.81 -10.78 -38.00
C THR C 94 -19.73 -10.61 -39.51
N THR C 95 -18.53 -10.38 -40.04
CA THR C 95 -18.33 -10.21 -41.48
C THR C 95 -18.54 -11.51 -42.25
N LYS C 96 -18.12 -12.63 -41.66
CA LYS C 96 -18.34 -13.94 -42.25
C LYS C 96 -19.83 -14.28 -42.21
N MET C 97 -20.44 -14.06 -41.05
CA MET C 97 -21.90 -14.22 -40.89
C MET C 97 -22.66 -13.49 -41.96
N LYS C 98 -22.29 -12.23 -42.14
CA LYS C 98 -22.88 -11.36 -43.15
C LYS C 98 -22.72 -11.97 -44.53
N GLN C 99 -21.50 -12.41 -44.86
CA GLN C 99 -21.23 -13.08 -46.14
C GLN C 99 -22.17 -14.28 -46.30
N ILE C 100 -22.31 -15.06 -45.24
CA ILE C 100 -23.19 -16.22 -45.26
C ILE C 100 -24.66 -15.85 -45.47
N GLU C 101 -25.11 -14.74 -44.87
CA GLU C 101 -26.48 -14.26 -45.12
C GLU C 101 -26.66 -13.84 -46.60
N ASP C 102 -25.65 -13.17 -47.17
CA ASP C 102 -25.70 -12.73 -48.57
C ASP C 102 -25.85 -13.92 -49.53
N LYS C 103 -25.00 -14.93 -49.34
CA LYS C 103 -25.06 -16.16 -50.12
C LYS C 103 -26.39 -16.88 -49.93
N ILE C 104 -26.94 -16.83 -48.73
CA ILE C 104 -28.23 -17.47 -48.44
C ILE C 104 -29.40 -16.80 -49.17
N GLU C 105 -29.34 -15.49 -49.34
CA GLU C 105 -30.40 -14.77 -50.04
C GLU C 105 -30.24 -15.05 -51.54
N GLU C 106 -28.99 -15.24 -51.95
CA GLU C 106 -28.70 -15.64 -53.33
C GLU C 106 -29.12 -17.07 -53.64
N ILE C 107 -29.01 -17.97 -52.67
CA ILE C 107 -29.46 -19.36 -52.81
C ILE C 107 -30.98 -19.42 -52.89
N LEU C 108 -31.64 -18.71 -51.99
CA LEU C 108 -33.10 -18.62 -51.99
C LEU C 108 -33.63 -18.17 -53.35
N SER C 109 -33.06 -17.11 -53.88
CA SER C 109 -33.54 -16.56 -55.16
C SER C 109 -33.38 -17.59 -56.29
N LYS C 110 -32.29 -18.36 -56.30
CA LYS C 110 -32.12 -19.42 -57.28
C LYS C 110 -33.19 -20.49 -57.14
N ILE C 111 -33.51 -20.85 -55.90
CA ILE C 111 -34.56 -21.83 -55.65
C ILE C 111 -35.91 -21.35 -56.15
N TYR C 112 -36.25 -20.08 -55.88
CA TYR C 112 -37.52 -19.52 -56.36
C TYR C 112 -37.60 -19.40 -57.89
N HIS C 113 -36.50 -19.03 -58.54
CA HIS C 113 -36.45 -19.13 -60.01
C HIS C 113 -36.69 -20.58 -60.42
N ILE C 114 -35.91 -21.50 -59.86
CA ILE C 114 -36.06 -22.94 -60.16
C ILE C 114 -37.50 -23.44 -60.00
N GLU C 115 -38.10 -23.17 -58.85
CA GLU C 115 -39.50 -23.56 -58.61
C GLU C 115 -40.41 -23.03 -59.72
N ASN C 116 -40.19 -21.81 -60.19
CA ASN C 116 -41.03 -21.27 -61.29
C ASN C 116 -40.82 -22.02 -62.60
N GLU C 117 -39.59 -22.44 -62.86
CA GLU C 117 -39.29 -23.20 -64.05
C GLU C 117 -40.04 -24.52 -64.03
N ILE C 118 -39.97 -25.21 -62.89
CA ILE C 118 -40.54 -26.55 -62.74
C ILE C 118 -42.06 -26.54 -62.79
N ALA C 119 -42.67 -25.45 -62.35
CA ALA C 119 -44.12 -25.27 -62.51
C ALA C 119 -44.44 -25.28 -64.00
N ARG C 120 -43.67 -24.48 -64.75
CA ARG C 120 -43.75 -24.43 -66.21
C ARG C 120 -43.62 -25.82 -66.83
N ILE C 121 -42.60 -26.54 -66.41
CA ILE C 121 -42.31 -27.84 -67.01
C ILE C 121 -43.41 -28.88 -66.74
N LYS C 122 -43.96 -28.90 -65.53
CA LYS C 122 -45.04 -29.85 -65.24
C LYS C 122 -46.29 -29.58 -66.07
N LYS C 123 -46.48 -28.32 -66.46
CA LYS C 123 -47.62 -27.94 -67.30
C LYS C 123 -47.41 -28.37 -68.75
N LEU C 124 -46.26 -27.98 -69.32
CA LEU C 124 -45.89 -28.37 -70.68
C LEU C 124 -46.05 -29.86 -70.93
N ILE C 125 -45.65 -30.68 -69.96
CA ILE C 125 -45.68 -32.14 -70.08
C ILE C 125 -47.08 -32.75 -69.95
N LYS C 126 -47.91 -32.20 -69.06
CA LYS C 126 -49.31 -32.64 -68.94
C LYS C 126 -50.15 -32.15 -70.13
N LEU C 127 -49.68 -31.13 -70.85
CA LEU C 127 -50.30 -30.67 -72.10
C LEU C 127 -49.81 -31.47 -73.31
N HIS C 128 -50.08 -32.78 -73.32
CA HIS C 128 -49.79 -33.67 -74.44
C HIS C 128 -50.67 -34.92 -74.38
CL CL D . 19.74 15.71 33.63
CL CL E . 10.08 7.62 16.68
CL CL F . -6.12 -5.45 -11.67
CL CL G . 14.94 11.99 25.16
CL CL H . -1.43 -2.11 -3.06
#